data_8GWD
#
_entry.id   8GWD
#
_cell.length_a   76.754
_cell.length_b   83.530
_cell.length_c   61.542
_cell.angle_alpha   90.00
_cell.angle_beta   100.59
_cell.angle_gamma   90.00
#
_symmetry.space_group_name_H-M   'C 1 2 1'
#
loop_
_entity.id
_entity.type
_entity.pdbx_description
1 polymer '4-hydroxyphenylpyruvate dioxygenase'
2 non-polymer 'COBALT (II) ION'
3 non-polymer 1,5-dimethyl-6-(2-oxidanyl-6-oxidanylidene-cyclohexen-1-yl)carbonyl-3-[(1S)-1-phenylethyl]quinazoline-2,4-dione
4 water water
#
_entity_poly.entity_id   1
_entity_poly.type   'polypeptide(L)'
_entity_poly.pdbx_seq_one_letter_code
;GSHMVRKNPKSDKFKVKRFHHIEFWCGDATNVARRFSWGLGMRFSAKSDLSTGNMVHASYLLTSGDLRFLFTAPYSPSLS
AGEIKPTTTASIPSFDHGSCRSFFSSHGLGVRAVAIEVEDAESAFSISVANGAIPSSPPIVLNEAVTIAEVKLYGDVVLR
YVSYKAEDTEKSEFLPGFERVEDASSFPLDYGIRRLDHAVGNVPELGPALTYVAGFTGFHQFAEFTADDVGTAESGLNSA
VLASNDEMVLLPINEPVHGTKRKSQIQTYLEHNEGAGLQHLALMSEDIFRTLREMRKRSSIGGFDFMPSPPPTYYQNLKK
RVGDVLSDDQIKECEELGILVDRDDQGTLLQIFTKPLGDRPTIFIEIIQRVGCMMKDEEGKAYQSGGCGGFGKGNFSELF
KSIEEYEKTLEAKQLVG
;
_entity_poly.pdbx_strand_id   A
#
loop_
_chem_comp.id
_chem_comp.type
_chem_comp.name
_chem_comp.formula
CO non-polymer 'COBALT (II) ION' 'Co 2'
KI0 non-polymer 1,5-dimethyl-6-(2-oxidanyl-6-oxidanylidene-cyclohexen-1-yl)carbonyl-3-[(1S)-1-phenylethyl]quinazoline-2,4-dione 'C25 H24 N2 O5'
#
# COMPACT_ATOMS: atom_id res chain seq x y z
N LYS A 7 -10.64 18.27 -13.13
CA LYS A 7 -11.22 17.66 -14.32
C LYS A 7 -10.75 16.21 -14.48
N ASN A 8 -11.72 15.31 -14.64
CA ASN A 8 -11.47 13.87 -14.75
C ASN A 8 -11.84 13.40 -16.14
N PRO A 9 -10.86 13.15 -17.03
CA PRO A 9 -11.17 12.75 -18.40
C PRO A 9 -11.60 11.30 -18.55
N LYS A 10 -11.53 10.50 -17.50
CA LYS A 10 -12.03 9.11 -17.48
C LYS A 10 -11.49 8.30 -18.67
N SER A 11 -10.16 8.15 -18.71
CA SER A 11 -9.51 7.57 -19.89
C SER A 11 -8.96 6.16 -19.65
N ASP A 12 -9.43 5.46 -18.62
CA ASP A 12 -8.99 4.09 -18.37
C ASP A 12 -9.09 3.25 -19.64
N LYS A 13 -7.99 2.59 -20.01
CA LYS A 13 -7.99 1.78 -21.22
C LYS A 13 -8.65 0.43 -21.02
N PHE A 14 -8.96 0.08 -19.77
CA PHE A 14 -9.73 -1.12 -19.45
C PHE A 14 -10.49 -0.83 -18.16
N LYS A 15 -11.48 -1.67 -17.89
CA LYS A 15 -12.36 -1.48 -16.74
C LYS A 15 -11.64 -1.92 -15.47
N VAL A 16 -11.49 -0.98 -14.53
CA VAL A 16 -10.79 -1.21 -13.27
C VAL A 16 -11.79 -1.08 -12.14
N LYS A 17 -11.77 -2.05 -11.21
CA LYS A 17 -12.72 -2.00 -10.10
C LYS A 17 -12.06 -1.38 -8.87
N ARG A 18 -11.44 -2.17 -7.99
CA ARG A 18 -10.83 -1.61 -6.80
C ARG A 18 -9.50 -2.30 -6.53
N PHE A 19 -8.74 -1.71 -5.61
CA PHE A 19 -7.60 -2.43 -5.05
C PHE A 19 -8.07 -3.78 -4.57
N HIS A 20 -7.31 -4.83 -4.88
CA HIS A 20 -7.63 -6.18 -4.46
C HIS A 20 -6.76 -6.69 -3.32
N HIS A 21 -5.43 -6.62 -3.47
CA HIS A 21 -4.56 -7.03 -2.37
C HIS A 21 -3.16 -6.49 -2.62
N ILE A 22 -2.34 -6.59 -1.58
CA ILE A 22 -0.94 -6.19 -1.63
C ILE A 22 -0.13 -7.42 -1.22
N GLU A 23 0.86 -7.79 -2.02
CA GLU A 23 1.68 -8.95 -1.69
C GLU A 23 3.09 -8.51 -1.27
N PHE A 24 3.49 -8.95 -0.09
CA PHE A 24 4.84 -8.75 0.41
C PHE A 24 5.66 -10.00 0.10
N TRP A 25 6.88 -9.80 -0.40
CA TRP A 25 7.84 -10.87 -0.57
C TRP A 25 8.79 -10.86 0.62
N CYS A 26 8.89 -11.99 1.32
CA CYS A 26 9.50 -12.12 2.63
C CYS A 26 10.58 -13.18 2.59
N GLY A 27 11.41 -13.20 3.64
CA GLY A 27 12.27 -14.34 3.87
C GLY A 27 11.53 -15.45 4.60
N ASP A 28 10.80 -15.07 5.64
CA ASP A 28 9.91 -15.96 6.38
C ASP A 28 8.53 -15.32 6.43
N ALA A 29 7.58 -15.88 5.68
CA ALA A 29 6.24 -15.29 5.67
C ALA A 29 5.52 -15.46 7.01
N THR A 30 5.77 -16.57 7.72
CA THR A 30 5.09 -16.81 8.98
C THR A 30 5.34 -15.67 9.98
N ASN A 31 6.61 -15.30 10.18
CA ASN A 31 6.92 -14.34 11.23
C ASN A 31 6.48 -12.93 10.83
N VAL A 32 6.61 -12.57 9.56
CA VAL A 32 6.12 -11.27 9.12
C VAL A 32 4.60 -11.20 9.26
N ALA A 33 3.90 -12.23 8.76
CA ALA A 33 2.44 -12.20 8.84
C ALA A 33 1.95 -12.15 10.30
N ARG A 34 2.56 -12.92 11.21
CA ARG A 34 2.10 -12.86 12.60
C ARG A 34 2.35 -11.49 13.22
N ARG A 35 3.49 -10.87 12.88
CA ARG A 35 3.81 -9.55 13.41
C ARG A 35 2.81 -8.53 12.87
N PHE A 36 2.55 -8.57 11.57
CA PHE A 36 1.60 -7.63 10.96
C PHE A 36 0.20 -7.82 11.52
N SER A 37 -0.20 -9.08 11.76
CA SER A 37 -1.53 -9.38 12.26
C SER A 37 -1.79 -8.71 13.61
N TRP A 38 -0.86 -8.91 14.55
CA TRP A 38 -0.95 -8.27 15.86
C TRP A 38 -0.84 -6.76 15.76
N GLY A 39 0.09 -6.26 14.94
CA GLY A 39 0.39 -4.84 14.94
C GLY A 39 -0.68 -4.01 14.26
N LEU A 40 -1.38 -4.57 13.29
CA LEU A 40 -2.40 -3.85 12.55
C LEU A 40 -3.82 -4.35 12.84
N GLY A 41 -3.98 -5.43 13.59
CA GLY A 41 -5.31 -5.97 13.85
C GLY A 41 -5.95 -6.53 12.60
N MET A 42 -5.22 -7.40 11.91
CA MET A 42 -5.72 -8.11 10.75
C MET A 42 -5.83 -9.59 11.09
N ARG A 43 -6.87 -10.25 10.60
CA ARG A 43 -7.06 -11.65 10.92
C ARG A 43 -6.48 -12.55 9.83
N PHE A 44 -6.03 -13.73 10.24
CA PHE A 44 -5.58 -14.75 9.28
C PHE A 44 -6.81 -15.33 8.57
N SER A 45 -6.92 -15.11 7.25
CA SER A 45 -8.11 -15.51 6.50
C SER A 45 -7.89 -16.66 5.53
N ALA A 46 -6.69 -16.83 4.96
CA ALA A 46 -6.48 -17.90 3.99
C ALA A 46 -5.00 -18.25 3.97
N LYS A 47 -4.69 -19.45 3.47
CA LYS A 47 -3.32 -19.93 3.44
C LYS A 47 -3.11 -20.84 2.23
N SER A 48 -1.88 -20.83 1.73
CA SER A 48 -1.43 -21.76 0.70
C SER A 48 -0.01 -22.13 1.09
N ASP A 49 0.19 -23.36 1.53
CA ASP A 49 1.52 -23.75 2.01
C ASP A 49 1.61 -25.27 1.94
N LEU A 50 2.63 -25.84 2.60
CA LEU A 50 2.80 -27.29 2.61
C LEU A 50 1.51 -28.01 3.01
N SER A 51 0.79 -27.48 3.99
CA SER A 51 -0.42 -28.16 4.46
C SER A 51 -1.55 -28.15 3.45
N THR A 52 -1.47 -27.30 2.43
CA THR A 52 -2.46 -27.28 1.36
C THR A 52 -1.94 -27.90 0.07
N GLY A 53 -0.74 -28.49 0.09
CA GLY A 53 -0.17 -29.10 -1.08
C GLY A 53 0.81 -28.25 -1.85
N ASN A 54 1.05 -27.01 -1.42
CA ASN A 54 1.98 -26.11 -2.10
C ASN A 54 3.42 -26.43 -1.65
N MET A 55 4.20 -27.03 -2.55
CA MET A 55 5.61 -27.37 -2.30
C MET A 55 6.57 -26.27 -2.75
N VAL A 56 6.06 -25.16 -3.28
CA VAL A 56 6.87 -24.10 -3.87
C VAL A 56 6.99 -22.90 -2.94
N HIS A 57 5.88 -22.36 -2.46
CA HIS A 57 5.93 -21.16 -1.63
C HIS A 57 4.93 -21.28 -0.48
N ALA A 58 5.22 -20.55 0.59
CA ALA A 58 4.31 -20.36 1.71
C ALA A 58 3.68 -18.98 1.57
N SER A 59 2.35 -18.93 1.55
CA SER A 59 1.61 -17.68 1.38
C SER A 59 0.49 -17.61 2.42
N TYR A 60 0.49 -16.54 3.22
CA TYR A 60 -0.54 -16.33 4.24
C TYR A 60 -1.24 -15.01 3.98
N LEU A 61 -2.57 -15.04 4.04
CA LEU A 61 -3.39 -13.87 3.76
C LEU A 61 -3.98 -13.32 5.06
N LEU A 62 -3.75 -12.02 5.30
CA LEU A 62 -4.40 -11.31 6.38
C LEU A 62 -5.46 -10.39 5.79
N THR A 63 -6.57 -10.21 6.51
CA THR A 63 -7.62 -9.31 6.04
C THR A 63 -8.11 -8.41 7.17
N SER A 64 -8.51 -7.20 6.80
CA SER A 64 -9.24 -6.32 7.70
C SER A 64 -10.24 -5.54 6.85
N GLY A 65 -11.53 -5.83 7.02
CA GLY A 65 -12.51 -5.27 6.09
C GLY A 65 -12.19 -5.75 4.68
N ASP A 66 -12.03 -4.80 3.75
CA ASP A 66 -11.66 -5.11 2.37
C ASP A 66 -10.16 -5.17 2.15
N LEU A 67 -9.35 -4.82 3.15
CA LEU A 67 -7.90 -4.79 2.99
C LEU A 67 -7.37 -6.21 3.01
N ARG A 68 -6.53 -6.55 2.03
CA ARG A 68 -5.94 -7.87 1.93
C ARG A 68 -4.42 -7.76 1.81
N PHE A 69 -3.71 -8.27 2.81
CA PHE A 69 -2.25 -8.32 2.81
C PHE A 69 -1.84 -9.77 2.67
N LEU A 70 -1.06 -10.07 1.63
CA LEU A 70 -0.53 -11.41 1.36
C LEU A 70 0.97 -11.44 1.66
N PHE A 71 1.41 -12.44 2.42
CA PHE A 71 2.83 -12.59 2.75
C PHE A 71 3.32 -13.91 2.18
N THR A 72 4.34 -13.86 1.33
CA THR A 72 4.82 -15.03 0.60
C THR A 72 6.33 -15.16 0.72
N ALA A 73 6.79 -16.39 0.96
CA ALA A 73 8.19 -16.74 1.03
C ALA A 73 8.42 -18.05 0.30
N PRO A 74 9.61 -18.24 -0.30
CA PRO A 74 9.90 -19.50 -1.00
C PRO A 74 10.34 -20.59 -0.05
N TYR A 75 9.95 -21.83 -0.37
CA TYR A 75 10.55 -22.98 0.28
C TYR A 75 11.88 -23.32 -0.41
N SER A 76 12.56 -24.35 0.08
CA SER A 76 13.71 -24.87 -0.62
C SER A 76 13.31 -25.32 -2.02
N PRO A 77 14.01 -24.90 -3.07
CA PRO A 77 13.68 -25.39 -4.42
C PRO A 77 13.70 -26.91 -4.52
N SER A 78 14.43 -27.58 -3.64
CA SER A 78 14.53 -29.03 -3.69
C SER A 78 13.18 -29.70 -3.47
N LEU A 79 12.24 -29.05 -2.77
CA LEU A 79 10.93 -29.66 -2.55
C LEU A 79 10.12 -29.78 -3.83
N SER A 80 10.39 -28.95 -4.83
CA SER A 80 9.60 -28.90 -6.06
C SER A 80 10.48 -29.12 -7.29
N ALA A 81 11.62 -29.79 -7.11
CA ALA A 81 12.61 -29.88 -8.19
C ALA A 81 12.08 -30.65 -9.40
N GLY A 82 11.22 -31.64 -9.16
CA GLY A 82 10.68 -32.39 -10.26
C GLY A 82 9.55 -31.73 -10.99
N GLU A 83 9.05 -30.60 -10.47
CA GLU A 83 7.91 -29.93 -11.05
C GLU A 83 8.31 -29.11 -12.27
N ILE A 84 7.35 -28.91 -13.16
CA ILE A 84 7.46 -27.91 -14.21
C ILE A 84 6.22 -27.05 -14.13
N LYS A 85 6.25 -25.90 -14.80
CA LYS A 85 5.10 -25.00 -14.71
C LYS A 85 3.77 -25.72 -14.99
N PRO A 86 3.65 -26.57 -16.02
CA PRO A 86 2.38 -27.30 -16.21
C PRO A 86 1.98 -28.19 -15.04
N THR A 87 2.94 -28.67 -14.24
CA THR A 87 2.63 -29.53 -13.10
C THR A 87 2.87 -28.84 -11.76
N THR A 88 2.89 -27.52 -11.72
CA THR A 88 3.30 -26.82 -10.50
C THR A 88 2.26 -26.99 -9.39
N THR A 89 2.75 -27.02 -8.15
CA THR A 89 1.89 -26.96 -6.97
C THR A 89 1.78 -25.55 -6.41
N ALA A 90 2.48 -24.59 -7.03
CA ALA A 90 2.34 -23.20 -6.60
C ALA A 90 0.92 -22.74 -6.85
N SER A 91 0.35 -22.04 -5.87
CA SER A 91 -0.98 -21.47 -6.06
C SER A 91 -0.92 -20.12 -6.74
N ILE A 92 0.25 -19.50 -6.78
CA ILE A 92 0.47 -18.26 -7.49
C ILE A 92 1.47 -18.53 -8.62
N PRO A 93 0.98 -18.82 -9.83
CA PRO A 93 1.88 -19.33 -10.88
C PRO A 93 2.94 -18.34 -11.30
N SER A 94 2.75 -17.03 -11.07
CA SER A 94 3.80 -16.08 -11.34
C SER A 94 4.99 -16.19 -10.39
N PHE A 95 4.85 -16.95 -9.29
CA PHE A 95 5.94 -17.04 -8.34
C PHE A 95 7.16 -17.75 -8.94
N ASP A 96 8.36 -17.29 -8.57
CA ASP A 96 9.61 -17.88 -9.01
C ASP A 96 10.61 -17.79 -7.87
N HIS A 97 11.18 -18.92 -7.45
CA HIS A 97 12.13 -18.92 -6.35
C HIS A 97 13.22 -17.88 -6.56
N GLY A 98 13.89 -17.95 -7.71
CA GLY A 98 15.03 -17.07 -7.95
C GLY A 98 14.63 -15.61 -7.97
N SER A 99 13.49 -15.29 -8.59
CA SER A 99 12.99 -13.92 -8.56
C SER A 99 12.74 -13.47 -7.12
N CYS A 100 12.17 -14.36 -6.29
CA CYS A 100 11.81 -13.97 -4.93
C CYS A 100 13.06 -13.75 -4.08
N ARG A 101 14.00 -14.69 -4.14
CA ARG A 101 15.23 -14.51 -3.36
C ARG A 101 16.01 -13.28 -3.82
N SER A 102 16.06 -13.05 -5.14
CA SER A 102 16.77 -11.88 -5.65
C SER A 102 16.10 -10.59 -5.22
N PHE A 103 14.77 -10.51 -5.35
CA PHE A 103 14.02 -9.36 -4.83
C PHE A 103 14.36 -9.08 -3.37
N PHE A 104 14.25 -10.10 -2.52
CA PHE A 104 14.44 -9.88 -1.08
C PHE A 104 15.90 -9.55 -0.76
N SER A 105 16.85 -10.25 -1.38
CA SER A 105 18.26 -9.91 -1.14
C SER A 105 18.53 -8.48 -1.54
N SER A 106 17.90 -8.01 -2.63
CA SER A 106 18.17 -6.67 -3.14
C SER A 106 17.48 -5.57 -2.33
N HIS A 107 16.21 -5.77 -1.97
CA HIS A 107 15.40 -4.71 -1.38
C HIS A 107 15.07 -4.95 0.08
N GLY A 108 15.28 -6.15 0.59
CA GLY A 108 14.73 -6.46 1.89
C GLY A 108 13.21 -6.61 1.79
N LEU A 109 12.57 -6.62 2.97
CA LEU A 109 11.14 -6.83 3.06
C LEU A 109 10.39 -5.69 2.39
N GLY A 110 9.48 -6.04 1.50
CA GLY A 110 8.74 -4.98 0.80
C GLY A 110 7.66 -5.54 -0.11
N VAL A 111 6.98 -4.62 -0.79
CA VAL A 111 5.85 -5.00 -1.61
C VAL A 111 6.35 -5.45 -2.98
N ARG A 112 5.99 -6.67 -3.37
CA ARG A 112 6.22 -7.13 -4.73
C ARG A 112 5.08 -6.77 -5.68
N ALA A 113 3.83 -6.91 -5.23
CA ALA A 113 2.66 -6.81 -6.11
C ALA A 113 1.64 -5.85 -5.53
N VAL A 114 1.25 -4.88 -6.32
CA VAL A 114 0.06 -4.07 -6.08
C VAL A 114 -1.03 -4.62 -6.99
N ALA A 115 -2.01 -5.31 -6.40
CA ALA A 115 -3.01 -6.03 -7.18
C ALA A 115 -4.32 -5.27 -7.20
N ILE A 116 -4.87 -5.09 -8.39
CA ILE A 116 -6.16 -4.45 -8.59
C ILE A 116 -7.09 -5.43 -9.27
N GLU A 117 -8.36 -5.40 -8.86
CA GLU A 117 -9.35 -6.24 -9.51
C GLU A 117 -9.86 -5.53 -10.75
N VAL A 118 -9.92 -6.27 -11.85
CA VAL A 118 -10.39 -5.73 -13.12
C VAL A 118 -11.49 -6.63 -13.65
N GLU A 119 -12.16 -6.16 -14.72
CA GLU A 119 -13.22 -6.95 -15.33
C GLU A 119 -12.66 -8.20 -15.98
N ASP A 120 -11.54 -8.07 -16.69
CA ASP A 120 -10.96 -9.20 -17.40
C ASP A 120 -9.44 -9.00 -17.43
N ALA A 121 -8.74 -9.81 -16.61
CA ALA A 121 -7.29 -9.67 -16.49
C ALA A 121 -6.58 -9.90 -17.82
N GLU A 122 -7.12 -10.79 -18.66
CA GLU A 122 -6.49 -11.05 -19.95
C GLU A 122 -6.53 -9.82 -20.84
N SER A 123 -7.71 -9.21 -20.99
CA SER A 123 -7.82 -7.98 -21.77
C SER A 123 -6.97 -6.88 -21.17
N ALA A 124 -7.04 -6.69 -19.84
CA ALA A 124 -6.23 -5.65 -19.20
C ALA A 124 -4.75 -5.86 -19.48
N PHE A 125 -4.28 -7.11 -19.42
CA PHE A 125 -2.89 -7.40 -19.72
C PHE A 125 -2.56 -7.06 -21.18
N SER A 126 -3.34 -7.62 -22.11
CA SER A 126 -3.07 -7.39 -23.53
C SER A 126 -3.10 -5.90 -23.86
N ILE A 127 -4.15 -5.20 -23.39
CA ILE A 127 -4.25 -3.77 -23.66
C ILE A 127 -3.07 -3.02 -23.06
N SER A 128 -2.68 -3.38 -21.82
CA SER A 128 -1.58 -2.67 -21.18
C SER A 128 -0.28 -2.83 -21.97
N VAL A 129 0.05 -4.07 -22.35
CA VAL A 129 1.28 -4.30 -23.09
C VAL A 129 1.22 -3.65 -24.46
N ALA A 130 0.04 -3.68 -25.10
CA ALA A 130 -0.13 -2.97 -26.36
C ALA A 130 0.12 -1.49 -26.21
N ASN A 131 0.03 -0.97 -24.98
CA ASN A 131 0.18 0.45 -24.71
C ASN A 131 1.42 0.77 -23.90
N GLY A 132 2.43 -0.11 -23.93
CA GLY A 132 3.76 0.20 -23.43
C GLY A 132 4.16 -0.54 -22.18
N ALA A 133 3.24 -1.28 -21.55
CA ALA A 133 3.57 -1.97 -20.31
C ALA A 133 4.56 -3.08 -20.57
N ILE A 134 5.52 -3.23 -19.66
CA ILE A 134 6.51 -4.31 -19.77
C ILE A 134 5.92 -5.55 -19.10
N PRO A 135 5.74 -6.64 -19.83
CA PRO A 135 5.10 -7.81 -19.24
C PRO A 135 5.97 -8.41 -18.15
N SER A 136 5.32 -8.96 -17.13
CA SER A 136 6.03 -9.68 -16.09
C SER A 136 5.56 -11.11 -15.98
N SER A 137 4.25 -11.34 -16.00
CA SER A 137 3.73 -12.67 -15.96
C SER A 137 2.47 -12.69 -16.82
N PRO A 138 2.38 -13.62 -17.76
CA PRO A 138 1.25 -13.62 -18.69
C PRO A 138 -0.03 -14.05 -17.99
N PRO A 139 -1.18 -13.79 -18.60
CA PRO A 139 -2.45 -14.18 -17.96
C PRO A 139 -2.51 -15.69 -17.78
N ILE A 140 -2.96 -16.11 -16.60
CA ILE A 140 -3.06 -17.53 -16.28
C ILE A 140 -4.41 -17.74 -15.61
N VAL A 141 -5.15 -18.74 -16.09
CA VAL A 141 -6.48 -19.03 -15.56
C VAL A 141 -6.35 -20.09 -14.47
N LEU A 142 -6.87 -19.78 -13.28
CA LEU A 142 -6.79 -20.68 -12.14
C LEU A 142 -8.14 -21.36 -11.95
N ASN A 143 -8.16 -22.69 -12.06
CA ASN A 143 -9.35 -23.51 -11.83
C ASN A 143 -10.54 -23.05 -12.66
N GLU A 144 -10.27 -22.53 -13.86
CA GLU A 144 -11.32 -22.00 -14.75
C GLU A 144 -12.20 -20.98 -14.03
N ALA A 145 -11.64 -20.23 -13.09
CA ALA A 145 -12.45 -19.36 -12.24
C ALA A 145 -11.82 -18.00 -11.96
N VAL A 146 -10.50 -17.89 -11.87
CA VAL A 146 -9.82 -16.63 -11.58
C VAL A 146 -8.67 -16.48 -12.56
N THR A 147 -8.55 -15.29 -13.15
CA THR A 147 -7.44 -14.99 -14.06
C THR A 147 -6.52 -13.94 -13.42
N ILE A 148 -5.22 -14.18 -13.52
CA ILE A 148 -4.22 -13.28 -12.96
C ILE A 148 -3.16 -13.01 -14.02
N ALA A 149 -2.66 -11.78 -14.04
CA ALA A 149 -1.59 -11.37 -14.94
C ALA A 149 -0.83 -10.23 -14.27
N GLU A 150 0.41 -9.99 -14.74
CA GLU A 150 1.27 -9.02 -14.08
C GLU A 150 2.09 -8.25 -15.11
N VAL A 151 2.20 -6.93 -14.89
CA VAL A 151 3.12 -6.09 -15.64
C VAL A 151 3.99 -5.32 -14.67
N LYS A 152 5.12 -4.82 -15.17
CA LYS A 152 6.01 -4.04 -14.32
C LYS A 152 5.39 -2.68 -14.02
N LEU A 153 5.50 -2.26 -12.75
CA LEU A 153 4.98 -0.95 -12.33
C LEU A 153 6.12 0.05 -12.16
N TYR A 154 7.04 -0.22 -11.22
CA TYR A 154 8.29 0.52 -11.05
C TYR A 154 9.24 -0.37 -10.27
N GLY A 155 10.54 -0.16 -10.48
CA GLY A 155 11.56 -1.01 -9.87
C GLY A 155 11.22 -2.47 -10.09
N ASP A 156 11.19 -3.25 -9.01
CA ASP A 156 10.79 -4.65 -9.08
C ASP A 156 9.37 -4.87 -8.53
N VAL A 157 8.55 -3.83 -8.50
CA VAL A 157 7.15 -3.93 -8.12
C VAL A 157 6.32 -4.17 -9.38
N VAL A 158 5.37 -5.10 -9.30
CA VAL A 158 4.46 -5.34 -10.41
C VAL A 158 3.07 -4.81 -10.08
N LEU A 159 2.35 -4.40 -11.12
CA LEU A 159 0.91 -4.22 -11.05
C LEU A 159 0.26 -5.54 -11.46
N ARG A 160 -0.51 -6.11 -10.56
CA ARG A 160 -1.12 -7.41 -10.79
C ARG A 160 -2.61 -7.21 -11.07
N TYR A 161 -3.08 -7.77 -12.18
CA TYR A 161 -4.50 -7.76 -12.51
C TYR A 161 -5.14 -9.07 -12.07
N VAL A 162 -6.31 -8.96 -11.45
CA VAL A 162 -7.09 -10.11 -11.01
C VAL A 162 -8.52 -9.95 -11.50
N SER A 163 -9.08 -10.99 -12.12
CA SER A 163 -10.49 -10.97 -12.50
C SER A 163 -11.17 -12.29 -12.17
N TYR A 164 -12.43 -12.20 -11.74
CA TYR A 164 -13.21 -13.34 -11.29
C TYR A 164 -14.40 -13.53 -12.21
N LYS A 165 -14.60 -14.77 -12.67
CA LYS A 165 -15.82 -15.09 -13.41
C LYS A 165 -17.05 -14.76 -12.58
N ALA A 166 -17.12 -15.28 -11.35
CA ALA A 166 -18.30 -15.06 -10.51
C ALA A 166 -18.03 -13.99 -9.45
N GLU A 173 -11.88 -18.45 -0.80
CA GLU A 173 -12.35 -17.78 -2.01
C GLU A 173 -11.39 -16.69 -2.48
N PHE A 174 -10.25 -16.55 -1.79
CA PHE A 174 -9.25 -15.56 -2.23
C PHE A 174 -8.71 -15.93 -3.61
N LEU A 175 -8.04 -17.07 -3.70
CA LEU A 175 -7.54 -17.60 -4.96
C LEU A 175 -7.69 -19.12 -4.89
N PRO A 176 -7.89 -19.77 -6.04
CA PRO A 176 -7.87 -21.24 -6.05
C PRO A 176 -6.58 -21.80 -5.46
N GLY A 177 -6.72 -22.86 -4.68
CA GLY A 177 -5.60 -23.46 -4.01
C GLY A 177 -5.32 -22.91 -2.64
N PHE A 178 -5.86 -21.73 -2.32
CA PHE A 178 -5.82 -21.23 -0.96
C PHE A 178 -6.93 -21.87 -0.15
N GLU A 179 -6.61 -22.26 1.07
CA GLU A 179 -7.61 -22.79 1.98
C GLU A 179 -8.01 -21.73 3.01
N ARG A 180 -9.29 -21.73 3.35
CA ARG A 180 -9.77 -20.86 4.41
C ARG A 180 -9.15 -21.27 5.73
N VAL A 181 -8.77 -20.29 6.53
CA VAL A 181 -8.04 -20.57 7.76
C VAL A 181 -9.02 -20.99 8.85
N GLU A 182 -8.65 -22.04 9.58
CA GLU A 182 -9.46 -22.55 10.70
C GLU A 182 -9.75 -21.43 11.70
N ASP A 183 -11.02 -21.30 12.09
CA ASP A 183 -11.42 -20.24 13.00
C ASP A 183 -10.69 -20.30 14.34
N ALA A 184 -9.89 -21.34 14.60
CA ALA A 184 -9.14 -21.41 15.86
C ALA A 184 -7.88 -20.56 15.82
N SER A 185 -7.05 -20.75 14.79
CA SER A 185 -5.93 -19.86 14.56
C SER A 185 -6.36 -18.49 14.04
N SER A 186 -7.62 -18.35 13.62
CA SER A 186 -8.12 -17.09 13.08
C SER A 186 -8.80 -16.32 14.21
N PHE A 187 -7.99 -15.65 15.00
CA PHE A 187 -8.49 -14.74 16.03
C PHE A 187 -9.06 -13.48 15.37
N PRO A 188 -10.29 -13.07 15.70
CA PRO A 188 -10.93 -11.98 14.93
C PRO A 188 -10.45 -10.59 15.34
N LEU A 189 -9.15 -10.34 15.17
CA LEU A 189 -8.62 -9.01 15.45
C LEU A 189 -9.21 -7.97 14.49
N ASP A 190 -9.43 -6.77 14.99
CA ASP A 190 -9.96 -5.68 14.17
C ASP A 190 -9.69 -4.37 14.91
N TYR A 191 -8.81 -3.52 14.37
CA TYR A 191 -8.59 -2.21 14.97
C TYR A 191 -9.24 -1.11 14.15
N GLY A 192 -10.10 -1.46 13.19
CA GLY A 192 -10.84 -0.49 12.41
C GLY A 192 -10.35 -0.25 11.00
N ILE A 193 -9.26 -0.88 10.56
CA ILE A 193 -8.80 -0.69 9.19
C ILE A 193 -9.77 -1.39 8.22
N ARG A 194 -10.08 -0.73 7.11
CA ARG A 194 -11.12 -1.23 6.21
C ARG A 194 -10.69 -1.40 4.76
N ARG A 195 -9.74 -0.59 4.26
CA ARG A 195 -9.39 -0.73 2.85
C ARG A 195 -8.09 0.01 2.55
N LEU A 196 -7.49 -0.34 1.41
CA LEU A 196 -6.33 0.37 0.90
C LEU A 196 -6.78 1.65 0.20
N ASP A 197 -6.32 2.79 0.68
CA ASP A 197 -6.69 4.04 0.04
C ASP A 197 -5.76 4.37 -1.13
N HIS A 198 -4.44 4.32 -0.90
CA HIS A 198 -3.48 4.54 -1.97
C HIS A 198 -2.18 3.80 -1.69
N ALA A 199 -1.40 3.64 -2.76
CA ALA A 199 -0.12 2.93 -2.75
C ALA A 199 0.89 3.76 -3.53
N VAL A 200 2.01 4.05 -2.91
CA VAL A 200 2.90 5.13 -3.33
C VAL A 200 4.27 4.57 -3.70
N GLY A 201 4.75 4.95 -4.89
CA GLY A 201 6.06 4.55 -5.35
C GLY A 201 7.08 5.67 -5.23
N ASN A 202 8.33 5.28 -4.96
CA ASN A 202 9.48 6.19 -5.00
C ASN A 202 10.31 5.81 -6.22
N VAL A 203 10.65 6.79 -7.05
CA VAL A 203 11.43 6.55 -8.27
C VAL A 203 12.53 7.61 -8.36
N PRO A 204 13.59 7.33 -9.12
CA PRO A 204 14.62 8.37 -9.34
C PRO A 204 14.14 9.52 -10.21
N GLU A 205 13.29 9.27 -11.21
CA GLU A 205 12.78 10.31 -12.10
C GLU A 205 11.27 10.17 -12.24
N LEU A 206 10.55 11.19 -11.78
CA LEU A 206 9.08 11.15 -11.77
C LEU A 206 8.50 11.17 -13.17
N GLY A 207 9.02 12.03 -14.05
CA GLY A 207 8.49 12.20 -15.38
C GLY A 207 8.32 10.90 -16.14
N PRO A 208 9.43 10.19 -16.38
CA PRO A 208 9.33 8.92 -17.11
C PRO A 208 8.46 7.89 -16.38
N ALA A 209 8.47 7.89 -15.04
CA ALA A 209 7.61 6.96 -14.31
C ALA A 209 6.14 7.22 -14.63
N LEU A 210 5.68 8.46 -14.48
CA LEU A 210 4.29 8.79 -14.75
C LEU A 210 3.92 8.46 -16.20
N THR A 211 4.71 8.94 -17.15
CA THR A 211 4.44 8.71 -18.57
C THR A 211 4.24 7.24 -18.88
N TYR A 212 5.08 6.39 -18.28
CA TYR A 212 4.98 4.95 -18.51
C TYR A 212 3.69 4.38 -17.96
N VAL A 213 3.39 4.63 -16.68
CA VAL A 213 2.20 4.03 -16.05
C VAL A 213 0.93 4.60 -16.66
N ALA A 214 0.83 5.92 -16.72
CA ALA A 214 -0.34 6.52 -17.36
C ALA A 214 -0.46 6.05 -18.81
N GLY A 215 0.67 5.81 -19.46
CA GLY A 215 0.65 5.33 -20.84
C GLY A 215 -0.12 4.04 -21.02
N PHE A 216 0.13 3.04 -20.16
CA PHE A 216 -0.47 1.73 -20.40
C PHE A 216 -1.79 1.51 -19.65
N THR A 217 -2.13 2.35 -18.67
CA THR A 217 -3.39 2.21 -17.94
C THR A 217 -4.47 3.14 -18.43
N GLY A 218 -4.09 4.30 -18.96
CA GLY A 218 -5.05 5.36 -19.15
C GLY A 218 -5.41 6.12 -17.89
N PHE A 219 -4.71 5.85 -16.77
CA PHE A 219 -4.99 6.59 -15.54
C PHE A 219 -4.63 8.05 -15.72
N HIS A 220 -5.45 8.92 -15.13
CA HIS A 220 -5.28 10.36 -15.28
C HIS A 220 -4.64 10.97 -14.04
N GLN A 221 -4.01 12.13 -14.25
CA GLN A 221 -3.46 12.89 -13.15
C GLN A 221 -4.58 13.41 -12.24
N PHE A 222 -4.41 13.23 -10.94
CA PHE A 222 -5.42 13.60 -9.95
C PHE A 222 -5.12 14.99 -9.41
N ALA A 223 -6.18 15.73 -9.11
CA ALA A 223 -6.09 17.16 -8.82
C ALA A 223 -5.34 17.43 -7.51
N GLU A 224 -4.59 18.53 -7.50
CA GLU A 224 -3.73 18.90 -6.38
C GLU A 224 -3.98 20.36 -5.98
N PHE A 225 -3.33 20.77 -4.90
CA PHE A 225 -3.48 22.10 -4.31
C PHE A 225 -4.93 22.42 -3.97
N GLU A 234 10.70 23.50 0.08
CA GLU A 234 11.50 22.29 -0.15
C GLU A 234 11.20 21.20 0.89
N SER A 235 10.40 20.21 0.46
CA SER A 235 9.94 19.13 1.31
C SER A 235 10.56 17.78 0.95
N GLY A 236 11.59 17.78 0.11
CA GLY A 236 12.30 16.57 -0.23
C GLY A 236 11.78 15.81 -1.43
N LEU A 237 10.67 16.24 -2.04
CA LEU A 237 10.11 15.45 -3.13
C LEU A 237 9.37 16.32 -4.13
N ASN A 238 9.18 15.76 -5.31
CA ASN A 238 8.09 16.08 -6.22
C ASN A 238 7.19 14.86 -6.31
N SER A 239 5.89 15.09 -6.50
CA SER A 239 5.00 13.95 -6.61
C SER A 239 3.81 14.29 -7.52
N ALA A 240 3.21 13.23 -8.05
CA ALA A 240 1.98 13.31 -8.83
C ALA A 240 1.20 12.02 -8.59
N VAL A 241 -0.12 12.10 -8.76
CA VAL A 241 -1.02 11.00 -8.44
C VAL A 241 -1.77 10.56 -9.70
N LEU A 242 -1.70 9.27 -10.01
CA LEU A 242 -2.49 8.69 -11.08
C LEU A 242 -3.73 8.00 -10.52
N ALA A 243 -4.86 8.17 -11.20
CA ALA A 243 -6.13 7.66 -10.70
C ALA A 243 -6.93 6.97 -11.80
N SER A 244 -7.66 5.94 -11.40
CA SER A 244 -8.58 5.24 -12.28
C SER A 244 -9.83 6.09 -12.49
N ASN A 245 -10.77 5.57 -13.30
CA ASN A 245 -11.91 6.35 -13.75
C ASN A 245 -12.71 6.92 -12.58
N ASP A 246 -13.09 6.09 -11.61
CA ASP A 246 -13.82 6.57 -10.45
C ASP A 246 -12.89 7.02 -9.31
N GLU A 247 -11.58 7.08 -9.57
CA GLU A 247 -10.58 7.61 -8.63
C GLU A 247 -10.56 6.85 -7.31
N MET A 248 -10.89 5.55 -7.37
CA MET A 248 -10.78 4.65 -6.23
C MET A 248 -9.48 3.87 -6.24
N VAL A 249 -8.80 3.78 -7.38
CA VAL A 249 -7.43 3.32 -7.45
C VAL A 249 -6.55 4.55 -7.61
N LEU A 250 -5.68 4.77 -6.63
CA LEU A 250 -4.85 5.96 -6.53
C LEU A 250 -3.41 5.51 -6.39
N LEU A 251 -2.56 5.95 -7.32
CA LEU A 251 -1.17 5.54 -7.36
C LEU A 251 -0.27 6.77 -7.42
N PRO A 252 0.03 7.39 -6.27
CA PRO A 252 1.02 8.46 -6.26
C PRO A 252 2.42 7.93 -6.51
N ILE A 253 3.25 8.79 -7.10
CA ILE A 253 4.66 8.51 -7.36
C ILE A 253 5.48 9.71 -6.93
N ASN A 254 6.60 9.46 -6.23
CA ASN A 254 7.49 10.51 -5.75
C ASN A 254 8.86 10.40 -6.42
N GLU A 255 9.55 11.54 -6.52
CA GLU A 255 10.95 11.61 -6.89
C GLU A 255 11.63 12.58 -5.93
N PRO A 256 12.94 12.46 -5.76
CA PRO A 256 13.63 13.33 -4.79
C PRO A 256 13.88 14.72 -5.35
N VAL A 257 14.07 15.68 -4.43
CA VAL A 257 14.54 17.01 -4.77
C VAL A 257 15.87 17.20 -4.04
N HIS A 258 16.98 17.21 -4.79
CA HIS A 258 18.31 17.15 -4.19
C HIS A 258 18.81 18.50 -3.72
N GLY A 259 19.47 18.51 -2.57
CA GLY A 259 20.05 19.72 -2.00
C GLY A 259 19.07 20.55 -1.20
N THR A 260 19.25 20.61 0.11
CA THR A 260 18.37 21.40 0.98
C THR A 260 19.10 21.62 2.31
N LYS A 261 18.33 21.94 3.35
CA LYS A 261 18.80 21.94 4.72
C LYS A 261 18.53 20.60 5.42
N ARG A 262 18.11 19.59 4.67
CA ARG A 262 17.97 18.22 5.16
C ARG A 262 17.91 17.28 3.96
N LYS A 263 18.34 16.05 4.17
CA LYS A 263 18.41 15.08 3.08
C LYS A 263 17.02 14.58 2.70
N SER A 264 16.83 14.34 1.40
CA SER A 264 15.54 13.87 0.92
C SER A 264 15.27 12.44 1.37
N GLN A 265 14.12 12.24 2.04
CA GLN A 265 13.71 10.90 2.42
C GLN A 265 13.48 10.00 1.22
N ILE A 266 13.20 10.59 0.05
CA ILE A 266 13.08 9.79 -1.18
C ILE A 266 14.43 9.26 -1.60
N GLN A 267 15.47 10.10 -1.49
CA GLN A 267 16.83 9.67 -1.81
C GLN A 267 17.30 8.61 -0.82
N THR A 268 17.05 8.81 0.47
CA THR A 268 17.39 7.80 1.47
C THR A 268 16.75 6.46 1.12
N TYR A 269 15.46 6.49 0.75
CA TYR A 269 14.75 5.29 0.33
C TYR A 269 15.49 4.59 -0.81
N LEU A 270 15.73 5.33 -1.91
CA LEU A 270 16.35 4.71 -3.08
C LEU A 270 17.70 4.10 -2.74
N GLU A 271 18.47 4.73 -1.86
CA GLU A 271 19.77 4.20 -1.46
C GLU A 271 19.63 2.88 -0.69
N HIS A 272 18.79 2.89 0.35
CA HIS A 272 18.65 1.69 1.17
C HIS A 272 17.83 0.60 0.47
N ASN A 273 16.93 0.98 -0.43
CA ASN A 273 16.13 -0.01 -1.15
C ASN A 273 16.83 -0.57 -2.37
N GLU A 274 18.01 -0.02 -2.72
CA GLU A 274 18.67 -0.33 -3.99
C GLU A 274 17.75 0.00 -5.16
N GLY A 275 17.20 1.21 -5.15
CA GLY A 275 16.45 1.73 -6.28
C GLY A 275 14.95 1.82 -6.01
N ALA A 276 14.22 2.05 -7.10
CA ALA A 276 12.80 2.35 -7.02
C ALA A 276 12.02 1.22 -6.37
N GLY A 277 10.95 1.59 -5.67
CA GLY A 277 10.06 0.61 -5.08
C GLY A 277 8.91 1.29 -4.39
N LEU A 278 8.07 0.48 -3.75
CA LEU A 278 6.91 1.02 -3.07
C LEU A 278 7.34 1.69 -1.75
N GLN A 279 6.95 2.95 -1.58
CA GLN A 279 7.30 3.74 -0.40
C GLN A 279 6.32 3.55 0.75
N HIS A 280 5.01 3.71 0.53
CA HIS A 280 4.08 3.51 1.62
C HIS A 280 2.72 3.05 1.13
N LEU A 281 2.05 2.30 2.01
CA LEU A 281 0.66 1.89 1.85
C LEU A 281 -0.19 2.71 2.80
N ALA A 282 -1.23 3.35 2.27
CA ALA A 282 -2.14 4.15 3.08
C ALA A 282 -3.44 3.37 3.29
N LEU A 283 -3.74 3.08 4.55
CA LEU A 283 -4.84 2.21 4.94
C LEU A 283 -5.94 3.07 5.55
N MET A 284 -7.13 3.03 4.95
CA MET A 284 -8.26 3.79 5.47
C MET A 284 -8.85 3.08 6.68
N SER A 285 -9.11 3.84 7.72
CA SER A 285 -9.77 3.35 8.93
C SER A 285 -11.18 3.92 8.99
N GLU A 286 -12.12 3.14 9.52
CA GLU A 286 -13.45 3.65 9.81
C GLU A 286 -13.49 4.50 11.07
N ASP A 287 -12.38 4.60 11.80
CA ASP A 287 -12.32 5.33 13.06
C ASP A 287 -10.86 5.44 13.43
N ILE A 288 -10.18 6.46 12.88
CA ILE A 288 -8.73 6.53 13.02
C ILE A 288 -8.34 6.69 14.47
N PHE A 289 -9.23 7.25 15.29
CA PHE A 289 -8.96 7.39 16.72
C PHE A 289 -8.77 6.02 17.37
N ARG A 290 -9.72 5.11 17.15
CA ARG A 290 -9.60 3.77 17.75
C ARG A 290 -8.45 2.99 17.13
N THR A 291 -8.24 3.11 15.82
CA THR A 291 -7.12 2.41 15.19
C THR A 291 -5.80 2.82 15.83
N LEU A 292 -5.59 4.12 16.01
CA LEU A 292 -4.32 4.60 16.55
C LEU A 292 -4.18 4.27 18.03
N ARG A 293 -5.29 4.27 18.78
CA ARG A 293 -5.21 3.81 20.16
C ARG A 293 -4.76 2.35 20.22
N GLU A 294 -5.36 1.51 19.39
CA GLU A 294 -5.04 0.10 19.44
C GLU A 294 -3.61 -0.17 18.94
N MET A 295 -3.19 0.49 17.86
CA MET A 295 -1.84 0.27 17.35
C MET A 295 -0.79 0.80 18.32
N ARG A 296 -1.07 1.96 18.96
CA ARG A 296 -0.08 2.52 19.87
C ARG A 296 0.07 1.69 21.15
N LYS A 297 -1.00 1.06 21.62
CA LYS A 297 -0.88 0.16 22.77
C LYS A 297 0.08 -0.98 22.48
N ARG A 298 0.21 -1.36 21.22
CA ARG A 298 0.96 -2.54 20.83
C ARG A 298 2.34 -2.24 20.24
N SER A 299 2.70 -0.96 20.10
CA SER A 299 3.97 -0.59 19.45
C SER A 299 5.18 -1.31 20.07
N SER A 300 5.24 -1.33 21.40
CA SER A 300 6.38 -1.88 22.13
C SER A 300 6.20 -3.34 22.52
N ILE A 301 5.10 -3.97 22.11
CA ILE A 301 4.90 -5.40 22.37
C ILE A 301 4.63 -6.15 21.07
N GLY A 302 5.42 -5.85 20.05
CA GLY A 302 5.40 -6.63 18.82
C GLY A 302 4.82 -5.89 17.65
N GLY A 303 4.18 -4.75 17.88
CA GLY A 303 3.45 -4.01 16.86
C GLY A 303 4.33 -3.02 16.11
N PHE A 304 3.73 -1.93 15.67
CA PHE A 304 4.42 -0.92 14.89
C PHE A 304 4.61 0.36 15.68
N ASP A 305 5.74 1.02 15.45
CA ASP A 305 6.06 2.33 15.99
C ASP A 305 5.61 3.40 15.01
N PHE A 306 5.34 4.59 15.53
CA PHE A 306 4.90 5.72 14.73
C PHE A 306 6.00 6.78 14.70
N MET A 307 5.97 7.61 13.66
CA MET A 307 6.91 8.70 13.54
C MET A 307 6.77 9.65 14.74
N PRO A 308 7.78 10.47 15.01
CA PRO A 308 7.68 11.42 16.13
C PRO A 308 6.50 12.37 15.94
N SER A 309 5.78 12.62 17.03
CA SER A 309 4.56 13.43 16.94
C SER A 309 4.92 14.90 16.69
N PRO A 310 4.01 15.66 16.09
CA PRO A 310 4.24 17.11 15.95
C PRO A 310 4.21 17.79 17.31
N PRO A 311 4.85 18.95 17.44
CA PRO A 311 4.83 19.68 18.72
C PRO A 311 3.43 20.18 19.03
N PRO A 312 3.18 20.56 20.29
CA PRO A 312 1.84 21.11 20.63
C PRO A 312 1.48 22.35 19.83
N THR A 313 2.46 23.08 19.30
CA THR A 313 2.15 24.25 18.47
C THR A 313 1.36 23.84 17.24
N TYR A 314 1.68 22.69 16.65
CA TYR A 314 0.92 22.21 15.50
C TYR A 314 -0.56 22.04 15.84
N TYR A 315 -0.84 21.56 17.06
CA TYR A 315 -2.22 21.30 17.42
C TYR A 315 -2.97 22.57 17.81
N GLN A 316 -2.27 23.56 18.37
CA GLN A 316 -2.90 24.87 18.56
C GLN A 316 -3.28 25.48 17.22
N ASN A 317 -2.40 25.37 16.21
CA ASN A 317 -2.69 25.89 14.87
C ASN A 317 -3.80 25.12 14.16
N LEU A 318 -4.25 24.00 14.72
CA LEU A 318 -5.31 23.23 14.07
C LEU A 318 -6.67 23.91 14.19
N LYS A 319 -6.91 24.64 15.28
CA LYS A 319 -8.20 25.29 15.47
C LYS A 319 -8.49 26.26 14.33
N LYS A 320 -7.50 27.07 13.96
CA LYS A 320 -7.65 28.01 12.85
C LYS A 320 -7.84 27.33 11.52
N ARG A 321 -7.45 26.05 11.40
CA ARG A 321 -7.47 25.35 10.12
C ARG A 321 -8.68 24.45 9.93
N VAL A 322 -9.04 23.67 10.95
CA VAL A 322 -10.07 22.65 10.81
C VAL A 322 -11.09 22.76 11.94
N GLY A 323 -11.05 23.87 12.68
CA GLY A 323 -11.97 24.08 13.80
C GLY A 323 -13.44 23.98 13.44
N ASP A 324 -13.77 24.15 12.17
CA ASP A 324 -15.12 23.92 11.68
C ASP A 324 -15.42 22.45 11.47
N VAL A 325 -14.39 21.65 11.18
CA VAL A 325 -14.55 20.22 10.94
C VAL A 325 -14.46 19.43 12.23
N LEU A 326 -13.49 19.75 13.08
CA LEU A 326 -13.21 18.98 14.28
C LEU A 326 -13.46 19.85 15.51
N SER A 327 -14.19 19.29 16.46
CA SER A 327 -14.42 19.96 17.74
C SER A 327 -13.13 20.03 18.53
N ASP A 328 -13.16 20.81 19.61
CA ASP A 328 -11.97 20.95 20.45
C ASP A 328 -11.58 19.61 21.08
N ASP A 329 -12.57 18.79 21.42
CA ASP A 329 -12.27 17.47 21.99
C ASP A 329 -11.63 16.56 20.95
N GLN A 330 -12.11 16.61 19.70
CA GLN A 330 -11.55 15.77 18.65
C GLN A 330 -10.18 16.26 18.20
N ILE A 331 -9.93 17.57 18.27
CA ILE A 331 -8.58 18.08 18.01
C ILE A 331 -7.63 17.61 19.10
N LYS A 332 -8.08 17.65 20.36
CA LYS A 332 -7.25 17.18 21.46
C LYS A 332 -7.03 15.67 21.39
N GLU A 333 -7.97 14.93 20.82
CA GLU A 333 -7.75 13.50 20.59
C GLU A 333 -6.71 13.27 19.51
N CYS A 334 -6.71 14.11 18.46
CA CYS A 334 -5.61 14.08 17.49
C CYS A 334 -4.27 14.33 18.16
N GLU A 335 -4.22 15.31 19.07
CA GLU A 335 -2.95 15.63 19.74
C GLU A 335 -2.48 14.47 20.61
N GLU A 336 -3.41 13.81 21.30
CA GLU A 336 -3.01 12.69 22.16
C GLU A 336 -2.42 11.55 21.34
N LEU A 337 -2.86 11.41 20.08
CA LEU A 337 -2.49 10.28 19.24
C LEU A 337 -1.45 10.61 18.18
N GLY A 338 -1.00 11.86 18.10
CA GLY A 338 -0.05 12.25 17.07
C GLY A 338 -0.62 12.37 15.68
N ILE A 339 -1.95 12.46 15.55
CA ILE A 339 -2.58 12.51 14.24
C ILE A 339 -2.34 13.85 13.57
N LEU A 340 -2.02 13.82 12.27
CA LEU A 340 -1.90 15.01 11.44
C LEU A 340 -3.19 15.24 10.68
N VAL A 341 -3.45 16.51 10.36
CA VAL A 341 -4.67 16.92 9.67
C VAL A 341 -4.28 17.83 8.52
N ASP A 342 -4.83 17.58 7.35
CA ASP A 342 -4.75 18.51 6.22
C ASP A 342 -6.13 18.65 5.60
N ARG A 343 -6.25 19.62 4.70
CA ARG A 343 -7.53 19.98 4.13
C ARG A 343 -7.38 20.36 2.66
N ASP A 344 -8.44 20.12 1.90
CA ASP A 344 -8.53 20.32 0.47
C ASP A 344 -9.52 21.43 0.16
N ASP A 345 -9.91 21.51 -1.12
CA ASP A 345 -11.05 22.32 -1.51
C ASP A 345 -12.36 21.70 -1.03
N GLN A 346 -12.41 20.37 -0.93
CA GLN A 346 -13.67 19.66 -0.72
C GLN A 346 -13.69 18.77 0.52
N GLY A 347 -12.54 18.43 1.09
CA GLY A 347 -12.53 17.48 2.20
C GLY A 347 -11.37 17.71 3.14
N THR A 348 -11.41 16.94 4.23
CA THR A 348 -10.40 17.02 5.29
C THR A 348 -9.76 15.65 5.46
N LEU A 349 -8.44 15.62 5.65
CA LEU A 349 -7.67 14.39 5.79
C LEU A 349 -7.03 14.32 7.16
N LEU A 350 -7.25 13.20 7.85
CA LEU A 350 -6.52 12.85 9.06
C LEU A 350 -5.52 11.75 8.69
N GLN A 351 -4.27 11.89 9.14
CA GLN A 351 -3.23 10.94 8.71
C GLN A 351 -2.16 10.80 9.79
N ILE A 352 -1.46 9.67 9.74
CA ILE A 352 -0.29 9.46 10.60
C ILE A 352 0.57 8.38 9.92
N PHE A 353 1.85 8.37 10.25
CA PHE A 353 2.82 7.50 9.57
C PHE A 353 3.54 6.62 10.57
N THR A 354 3.69 5.33 10.22
CA THR A 354 4.51 4.45 11.02
C THR A 354 6.00 4.72 10.75
N LYS A 355 6.83 4.26 11.68
CA LYS A 355 8.25 4.09 11.38
C LYS A 355 8.36 3.00 10.31
N PRO A 356 9.53 2.81 9.68
CA PRO A 356 9.63 1.76 8.67
C PRO A 356 9.25 0.39 9.22
N LEU A 357 8.61 -0.43 8.34
CA LEU A 357 8.02 -1.69 8.75
C LEU A 357 9.06 -2.77 9.03
N GLY A 358 10.27 -2.63 8.48
CA GLY A 358 11.30 -3.63 8.67
C GLY A 358 12.66 -3.03 8.98
N ASP A 359 13.73 -3.79 8.71
CA ASP A 359 15.10 -3.34 9.06
C ASP A 359 15.49 -2.07 8.32
N ARG A 360 15.07 -1.93 7.04
CA ARG A 360 15.60 -0.82 6.25
C ARG A 360 14.68 0.39 6.33
N PRO A 361 15.23 1.61 6.21
CA PRO A 361 14.40 2.84 6.22
C PRO A 361 13.73 3.04 4.87
N THR A 362 12.83 2.13 4.53
CA THR A 362 12.24 2.09 3.20
C THR A 362 10.71 2.14 3.31
N ILE A 363 10.05 0.99 3.29
CA ILE A 363 8.58 1.00 3.26
C ILE A 363 8.04 1.38 4.64
N PHE A 364 6.95 2.15 4.66
CA PHE A 364 6.19 2.41 5.88
C PHE A 364 4.71 2.39 5.54
N ILE A 365 3.89 2.54 6.57
CA ILE A 365 2.44 2.50 6.45
C ILE A 365 1.88 3.84 6.90
N GLU A 366 0.86 4.31 6.20
CA GLU A 366 0.08 5.47 6.64
C GLU A 366 -1.32 5.02 7.05
N ILE A 367 -1.83 5.53 8.18
CA ILE A 367 -3.23 5.32 8.53
C ILE A 367 -3.96 6.63 8.22
N ILE A 368 -5.11 6.53 7.54
CA ILE A 368 -5.84 7.74 7.18
C ILE A 368 -7.34 7.55 7.39
N GLN A 369 -8.03 8.68 7.52
CA GLN A 369 -9.48 8.72 7.45
C GLN A 369 -9.86 10.04 6.81
N ARG A 370 -10.83 9.99 5.90
CA ARG A 370 -11.21 11.14 5.10
C ARG A 370 -12.59 11.64 5.51
N VAL A 371 -12.76 12.96 5.50
CA VAL A 371 -13.97 13.63 5.94
C VAL A 371 -14.46 14.52 4.81
N GLY A 372 -15.66 14.25 4.33
CA GLY A 372 -16.26 15.10 3.30
C GLY A 372 -16.58 14.39 1.99
N CYS A 373 -16.79 15.17 0.93
CA CYS A 373 -17.03 14.69 -0.43
C CYS A 373 -18.09 13.59 -0.46
N MET A 374 -19.25 13.91 0.10
CA MET A 374 -20.38 12.97 0.10
C MET A 374 -21.19 13.13 -1.17
N MET A 375 -21.50 12.01 -1.82
CA MET A 375 -22.30 11.98 -3.04
C MET A 375 -23.40 10.93 -2.91
N TYR A 383 -22.07 7.76 -0.79
CA TYR A 383 -20.69 7.35 -1.04
C TYR A 383 -19.73 8.53 -0.96
N GLN A 384 -18.48 8.24 -0.58
CA GLN A 384 -17.43 9.24 -0.51
C GLN A 384 -16.54 9.13 -1.73
N SER A 385 -16.25 10.26 -2.37
CA SER A 385 -15.41 10.24 -3.56
C SER A 385 -13.95 10.05 -3.18
N GLY A 386 -13.19 9.49 -4.11
CA GLY A 386 -11.82 9.11 -3.82
C GLY A 386 -10.89 10.30 -3.67
N GLY A 387 -9.87 10.11 -2.85
CA GLY A 387 -8.90 11.17 -2.63
C GLY A 387 -9.43 12.37 -1.87
N CYS A 388 -10.59 12.24 -1.24
CA CYS A 388 -11.23 13.37 -0.56
C CYS A 388 -10.34 13.99 0.51
N GLY A 389 -9.83 15.19 0.25
CA GLY A 389 -8.92 15.86 1.15
C GLY A 389 -7.48 15.87 0.68
N GLY A 390 -7.16 15.13 -0.38
CA GLY A 390 -5.80 15.10 -0.87
C GLY A 390 -4.95 14.03 -0.19
N PHE A 391 -3.65 14.33 -0.07
CA PHE A 391 -2.70 13.35 0.43
C PHE A 391 -1.84 13.91 1.56
N GLY A 392 -2.14 15.13 2.03
CA GLY A 392 -1.46 15.70 3.16
C GLY A 392 -0.26 16.55 2.81
N LYS A 393 -0.14 16.97 1.55
CA LYS A 393 1.03 17.71 1.12
C LYS A 393 1.17 19.03 1.90
N GLY A 394 0.05 19.63 2.29
CA GLY A 394 0.10 20.85 3.08
C GLY A 394 0.65 20.65 4.48
N ASN A 395 0.78 19.41 4.94
CA ASN A 395 1.34 19.16 6.25
C ASN A 395 2.85 19.24 6.27
N PHE A 396 3.51 19.29 5.11
CA PHE A 396 4.94 19.53 5.09
C PHE A 396 5.26 20.91 5.66
N SER A 397 4.64 21.94 5.09
CA SER A 397 4.84 23.30 5.59
C SER A 397 4.27 23.48 6.98
N GLU A 398 3.05 22.98 7.20
CA GLU A 398 2.42 23.11 8.51
C GLU A 398 3.26 22.46 9.60
N LEU A 399 3.85 21.30 9.29
CA LEU A 399 4.74 20.67 10.25
C LEU A 399 6.00 21.51 10.44
N PHE A 400 6.58 21.99 9.33
CA PHE A 400 7.79 22.80 9.40
C PHE A 400 7.55 24.07 10.21
N LYS A 401 6.45 24.78 9.92
CA LYS A 401 6.12 25.99 10.67
C LYS A 401 5.99 25.70 12.16
N SER A 402 5.19 24.68 12.52
CA SER A 402 4.97 24.40 13.92
C SER A 402 6.25 23.98 14.62
N ILE A 403 7.16 23.31 13.91
CA ILE A 403 8.42 22.90 14.52
C ILE A 403 9.30 24.12 14.80
N GLU A 404 9.30 25.09 13.89
CA GLU A 404 10.04 26.32 14.14
C GLU A 404 9.41 27.13 15.26
N GLU A 405 8.07 27.16 15.31
CA GLU A 405 7.38 27.90 16.36
C GLU A 405 7.65 27.30 17.73
N TYR A 406 7.62 25.97 17.83
CA TYR A 406 7.87 25.31 19.11
C TYR A 406 9.30 25.52 19.59
N GLU A 407 10.25 25.57 18.65
CA GLU A 407 11.63 25.83 19.03
C GLU A 407 11.78 27.23 19.61
N LYS A 408 11.29 28.24 18.89
CA LYS A 408 11.37 29.62 19.38
C LYS A 408 10.53 29.86 20.63
N THR A 409 9.50 29.05 20.86
CA THR A 409 8.62 29.21 22.02
C THR A 409 9.37 28.97 23.33
CO CO B . 0.01 8.99 1.54
C10 KI0 C . 2.80 12.06 2.80
C13 KI0 C . 3.96 13.47 4.86
C15 KI0 C . 3.94 11.54 3.43
C22 KI0 C . 7.39 12.26 6.99
C24 KI0 C . 3.83 15.49 6.22
C26 KI0 C . 8.77 12.59 6.47
C28 KI0 C . 11.13 12.05 6.37
C1 KI0 C . 1.33 11.40 -2.10
C2 KI0 C . 1.93 12.81 -2.22
C3 KI0 C . 3.40 12.81 -1.75
C4 KI0 C . 3.45 12.27 -0.31
C5 KI0 C . 2.28 11.41 0.20
C6 KI0 C . 1.35 10.93 -0.64
C9 KI0 C . 2.10 11.23 1.71
C11 KI0 C . 2.22 13.26 3.18
C12 KI0 C . 2.81 13.97 4.22
C14 KI0 C . 4.55 12.27 4.49
C16 KI0 C . 5.70 11.86 5.17
C19 KI0 C . 5.59 13.79 6.51
C23 KI0 C . 4.46 10.18 2.89
C27 KI0 C . 9.84 11.75 6.82
C29 KI0 C . 11.34 13.19 5.60
C30 KI0 C . 10.28 14.03 5.27
C31 KI0 C . 8.99 13.75 5.71
C32 KI0 C . 7.35 10.79 7.48
N17 KI0 C . 4.48 14.22 5.84
N18 KI0 C . 6.22 12.62 6.17
O7 KI0 C . 0.45 9.93 -0.24
O8 KI0 C . 4.38 12.51 0.41
O20 KI0 C . 6.26 10.84 4.90
O21 KI0 C . 1.32 10.41 2.11
O25 KI0 C . 6.02 14.47 7.38
#